data_7KD5
#
_entry.id   7KD5
#
_cell.length_a   67.617
_cell.length_b   77.421
_cell.length_c   79.132
_cell.angle_alpha   90.000
_cell.angle_beta   90.000
_cell.angle_gamma   90.000
#
_symmetry.space_group_name_H-M   'P 21 21 21'
#
loop_
_entity.id
_entity.type
_entity.pdbx_description
1 polymer 'Maltodextrin-binding protein and Phosphoprotein fusion protein'
2 branched alpha-D-glucopyranose-(1-4)-alpha-D-glucopyranose
3 non-polymer 1,2-ETHANEDIOL
4 non-polymer "PIPERAZINE-N,N'-BIS(2-ETHANESULFONIC ACID)"
5 non-polymer PROLINE
6 water water
#
_entity_poly.entity_id   1
_entity_poly.type   'polypeptide(L)'
_entity_poly.pdbx_seq_one_letter_code
;MKIEEGKLVIWINGDKGYNGLAEVGKKFEKDTGIKVTVEHPDKLEEKFPQVAATGDGPDIIFWAHDRFGGYAQSGLLAEI
TPAAAFQDKLYPFTWDAVRYNGKLIAYPIAVEALSLIYNKDLLPNPPKTWEEIPALDKELKAKGKSALMFNLQEPYFTWP
LIAADGGYAFKYENGKYDIKDVGVDNAGAKAGLTFLVDLIKNKHMNADTDYSIAEAAFNKGETAMTINGPWAWSNIDTSK
VNYGVTVLPTFKGQPSKPFVGVLSAGINAASPNKELAKEFLENYLLTDEGLEAVNKDKPLGAVALKSYEEELAKDPRIAA
TMENAQKGEIMPNIPQMSAFWYAVRTAVINAASGRQTVDAALAAAQTNAAAKSSAASPAALSGYKMTLLALIKESIPNQA
KRQKFEMQVGGIRNEQDFKNLRREIIRSAAQ
;
_entity_poly.pdbx_strand_id   A
#
# COMPACT_ATOMS: atom_id res chain seq x y z
N ILE A 3 4.56 -19.76 16.78
CA ILE A 3 4.41 -18.42 17.40
C ILE A 3 4.33 -18.58 18.91
N GLU A 4 5.19 -17.84 19.63
CA GLU A 4 5.37 -18.02 21.07
C GLU A 4 4.24 -17.30 21.82
N GLU A 5 3.57 -18.00 22.73
CA GLU A 5 2.51 -17.40 23.54
CA GLU A 5 2.52 -17.39 23.53
C GLU A 5 3.14 -16.49 24.58
N GLY A 6 2.53 -15.33 24.79
CA GLY A 6 2.87 -14.47 25.91
C GLY A 6 3.87 -13.37 25.56
N LYS A 7 4.07 -13.09 24.26
CA LYS A 7 4.93 -12.01 23.79
C LYS A 7 4.36 -11.58 22.44
N LEU A 8 4.86 -10.46 21.89
CA LEU A 8 4.44 -10.07 20.54
C LEU A 8 5.66 -9.92 19.64
N VAL A 9 5.52 -10.42 18.41
CA VAL A 9 6.49 -10.19 17.34
C VAL A 9 5.75 -9.42 16.25
N ILE A 10 6.35 -8.30 15.83
CA ILE A 10 5.69 -7.38 14.91
C ILE A 10 6.61 -7.22 13.70
N TRP A 11 6.05 -7.30 12.48
CA TRP A 11 6.79 -7.04 11.26
C TRP A 11 6.31 -5.75 10.61
N ILE A 12 7.26 -4.91 10.20
CA ILE A 12 6.94 -3.64 9.53
C ILE A 12 8.04 -3.38 8.49
N ASN A 13 7.68 -2.66 7.42
CA ASN A 13 8.67 -2.44 6.37
C ASN A 13 9.81 -1.53 6.84
N GLY A 14 10.96 -1.72 6.21
CA GLY A 14 12.18 -1.03 6.59
C GLY A 14 12.23 0.45 6.23
N ASP A 15 11.24 0.94 5.48
CA ASP A 15 11.16 2.35 5.15
C ASP A 15 10.29 3.09 6.15
N LYS A 16 9.71 2.38 7.12
CA LYS A 16 8.85 3.05 8.09
CA LYS A 16 8.84 3.02 8.11
C LYS A 16 9.60 3.25 9.41
N GLY A 17 8.93 3.92 10.35
CA GLY A 17 9.54 4.29 11.63
C GLY A 17 9.60 3.13 12.61
N TYR A 18 10.38 2.09 12.28
CA TYR A 18 10.43 0.88 13.09
C TYR A 18 11.12 1.08 14.45
N ASN A 19 12.06 2.04 14.53
CA ASN A 19 12.67 2.32 15.84
C ASN A 19 11.67 3.03 16.75
N GLY A 20 10.88 3.93 16.16
CA GLY A 20 9.76 4.55 16.87
C GLY A 20 8.76 3.49 17.35
N LEU A 21 8.43 2.54 16.48
CA LEU A 21 7.48 1.50 16.89
C LEU A 21 8.09 0.66 18.03
N ALA A 22 9.41 0.39 17.96
CA ALA A 22 10.08 -0.33 19.03
C ALA A 22 9.99 0.43 20.35
N GLU A 23 9.99 1.78 20.32
CA GLU A 23 9.81 2.56 21.56
C GLU A 23 8.41 2.32 22.12
N VAL A 24 7.40 2.20 21.25
CA VAL A 24 6.05 1.89 21.72
C VAL A 24 6.06 0.50 22.35
N GLY A 25 6.77 -0.45 21.72
CA GLY A 25 6.96 -1.79 22.22
C GLY A 25 7.60 -1.79 23.61
N LYS A 26 8.59 -0.91 23.81
CA LYS A 26 9.29 -0.83 25.10
CA LYS A 26 9.29 -0.80 25.09
C LYS A 26 8.34 -0.29 26.15
N LYS A 27 7.50 0.67 25.79
CA LYS A 27 6.53 1.18 26.76
C LYS A 27 5.52 0.08 27.14
N PHE A 28 5.01 -0.67 26.15
CA PHE A 28 4.13 -1.78 26.44
C PHE A 28 4.76 -2.76 27.41
N GLU A 29 6.03 -3.12 27.20
CA GLU A 29 6.69 -4.07 28.06
C GLU A 29 6.88 -3.49 29.47
N LYS A 30 7.23 -2.20 29.54
CA LYS A 30 7.42 -1.58 30.85
C LYS A 30 6.13 -1.65 31.66
N ASP A 31 5.02 -1.35 30.98
CA ASP A 31 3.74 -1.19 31.67
C ASP A 31 3.09 -2.53 31.97
N THR A 32 3.23 -3.51 31.07
CA THR A 32 2.43 -4.73 31.15
C THR A 32 3.29 -5.95 31.49
N GLY A 33 4.62 -5.84 31.33
CA GLY A 33 5.48 -7.00 31.48
C GLY A 33 5.67 -7.83 30.20
N ILE A 34 4.92 -7.52 29.13
CA ILE A 34 4.92 -8.36 27.94
C ILE A 34 5.94 -7.82 26.94
N LYS A 35 6.85 -8.67 26.50
CA LYS A 35 7.91 -8.29 25.58
CA LYS A 35 7.93 -8.33 25.57
C LYS A 35 7.37 -8.13 24.16
N VAL A 36 7.91 -7.12 23.47
CA VAL A 36 7.55 -6.82 22.09
C VAL A 36 8.86 -6.78 21.28
N THR A 37 8.87 -7.53 20.18
CA THR A 37 10.01 -7.52 19.27
C THR A 37 9.54 -7.02 17.92
N VAL A 38 10.14 -5.91 17.46
CA VAL A 38 9.85 -5.35 16.13
C VAL A 38 10.94 -5.80 15.16
N GLU A 39 10.53 -6.36 14.01
CA GLU A 39 11.46 -6.73 12.94
C GLU A 39 11.05 -6.06 11.64
N HIS A 40 12.01 -5.88 10.73
CA HIS A 40 11.75 -5.30 9.42
C HIS A 40 12.36 -6.20 8.34
N PRO A 41 11.84 -7.43 8.14
CA PRO A 41 12.44 -8.33 7.16
C PRO A 41 12.28 -7.79 5.74
N ASP A 42 13.22 -8.18 4.88
CA ASP A 42 13.12 -7.86 3.47
C ASP A 42 11.96 -8.63 2.85
N LYS A 43 11.32 -7.98 1.88
CA LYS A 43 10.25 -8.59 1.10
C LYS A 43 9.18 -9.15 2.03
N LEU A 44 8.88 -8.39 3.11
CA LEU A 44 8.00 -8.98 4.11
CA LEU A 44 7.91 -8.70 4.15
C LEU A 44 6.59 -9.18 3.55
N GLU A 45 6.20 -8.46 2.51
CA GLU A 45 4.86 -8.60 1.95
C GLU A 45 4.74 -9.94 1.24
N GLU A 46 5.89 -10.52 0.86
CA GLU A 46 5.90 -11.86 0.27
C GLU A 46 6.22 -12.91 1.32
N LYS A 47 7.02 -12.54 2.31
CA LYS A 47 7.42 -13.50 3.34
CA LYS A 47 7.43 -13.48 3.35
C LYS A 47 6.24 -13.83 4.24
N PHE A 48 5.43 -12.81 4.59
CA PHE A 48 4.33 -13.08 5.50
C PHE A 48 3.46 -14.24 5.00
N PRO A 49 2.91 -14.21 3.76
CA PRO A 49 2.04 -15.29 3.31
C PRO A 49 2.72 -16.64 3.31
N GLN A 50 4.04 -16.65 3.04
CA GLN A 50 4.83 -17.86 2.99
CA GLN A 50 4.81 -17.88 2.99
C GLN A 50 4.85 -18.52 4.37
N VAL A 51 5.17 -17.74 5.41
CA VAL A 51 5.35 -18.28 6.75
C VAL A 51 4.01 -18.44 7.48
N ALA A 52 3.08 -17.50 7.27
CA ALA A 52 1.79 -17.61 7.96
C ALA A 52 0.97 -18.79 7.43
N ALA A 53 1.23 -19.23 6.19
CA ALA A 53 0.49 -20.36 5.63
C ALA A 53 0.71 -21.61 6.47
N THR A 54 1.81 -21.67 7.23
CA THR A 54 2.05 -22.86 8.03
C THR A 54 1.85 -22.59 9.52
N GLY A 55 1.19 -21.46 9.83
CA GLY A 55 0.87 -21.15 11.22
C GLY A 55 2.01 -20.43 11.93
N ASP A 56 2.98 -19.94 11.16
CA ASP A 56 4.15 -19.28 11.72
C ASP A 56 4.04 -17.79 11.46
N GLY A 57 5.16 -17.09 11.72
CA GLY A 57 5.28 -15.68 11.38
C GLY A 57 5.02 -14.77 12.57
N PRO A 58 4.86 -13.46 12.32
CA PRO A 58 4.65 -12.49 13.39
C PRO A 58 3.21 -12.54 13.93
N ASP A 59 3.03 -12.02 15.15
CA ASP A 59 1.69 -11.79 15.65
C ASP A 59 0.96 -10.68 14.88
N ILE A 60 1.73 -9.63 14.54
CA ILE A 60 1.17 -8.45 13.89
C ILE A 60 1.99 -8.14 12.64
N ILE A 61 1.27 -7.89 11.53
CA ILE A 61 1.89 -7.52 10.26
C ILE A 61 1.41 -6.13 9.85
N PHE A 62 2.38 -5.27 9.49
CA PHE A 62 2.07 -3.95 8.96
C PHE A 62 2.42 -3.94 7.46
N TRP A 63 1.47 -3.46 6.65
CA TRP A 63 1.69 -3.15 5.24
C TRP A 63 0.60 -2.18 4.82
N ALA A 64 0.73 -1.56 3.63
CA ALA A 64 -0.47 -0.90 3.10
C ALA A 64 -1.57 -1.93 2.89
N HIS A 65 -2.81 -1.41 2.94
CA HIS A 65 -3.99 -2.26 2.99
C HIS A 65 -4.19 -3.10 1.73
N ASP A 66 -3.50 -2.76 0.62
CA ASP A 66 -3.85 -3.41 -0.63
C ASP A 66 -3.51 -4.90 -0.60
N ARG A 67 -2.54 -5.30 0.23
CA ARG A 67 -2.11 -6.70 0.27
C ARG A 67 -3.02 -7.51 1.20
N PHE A 68 -3.89 -6.83 1.96
CA PHE A 68 -4.54 -7.51 3.08
C PHE A 68 -5.73 -8.37 2.67
N GLY A 69 -6.46 -8.03 1.58
CA GLY A 69 -7.53 -8.92 1.12
C GLY A 69 -7.01 -10.28 0.71
N GLY A 70 -5.82 -10.34 0.06
CA GLY A 70 -5.19 -11.59 -0.29
C GLY A 70 -4.87 -12.39 0.96
N TYR A 71 -4.27 -11.72 1.97
CA TYR A 71 -3.95 -12.43 3.20
C TYR A 71 -5.22 -12.97 3.86
N ALA A 72 -6.28 -12.15 3.88
CA ALA A 72 -7.52 -12.55 4.53
C ALA A 72 -8.16 -13.71 3.78
N GLN A 73 -8.15 -13.64 2.44
CA GLN A 73 -8.77 -14.68 1.65
C GLN A 73 -8.06 -16.01 1.82
N SER A 74 -6.76 -15.96 2.07
CA SER A 74 -5.91 -17.12 2.29
C SER A 74 -6.04 -17.66 3.72
N GLY A 75 -6.81 -17.00 4.57
CA GLY A 75 -7.01 -17.50 5.93
C GLY A 75 -5.90 -17.10 6.90
N LEU A 76 -5.10 -16.06 6.56
CA LEU A 76 -3.94 -15.73 7.37
C LEU A 76 -4.22 -14.63 8.40
N LEU A 77 -5.41 -14.02 8.36
CA LEU A 77 -5.70 -12.89 9.24
C LEU A 77 -6.97 -13.14 10.06
N ALA A 78 -6.90 -12.82 11.34
CA ALA A 78 -8.10 -12.84 12.18
C ALA A 78 -8.95 -11.62 11.89
N GLU A 79 -10.28 -11.73 12.07
CA GLU A 79 -11.10 -10.53 12.15
C GLU A 79 -10.69 -9.76 13.39
N ILE A 80 -10.51 -8.43 13.23
CA ILE A 80 -10.21 -7.62 14.40
C ILE A 80 -11.53 -7.27 15.10
N THR A 81 -11.44 -6.95 16.41
CA THR A 81 -12.66 -6.82 17.21
C THR A 81 -12.78 -5.48 17.94
N PRO A 82 -12.45 -4.32 17.34
CA PRO A 82 -12.58 -3.06 18.07
C PRO A 82 -14.06 -2.78 18.38
N ALA A 83 -14.29 -2.28 19.59
CA ALA A 83 -15.63 -1.79 19.91
C ALA A 83 -16.00 -0.57 19.08
N ALA A 84 -17.29 -0.29 19.00
CA ALA A 84 -17.76 0.92 18.34
C ALA A 84 -17.06 2.19 18.86
N ALA A 85 -16.84 2.28 20.19
CA ALA A 85 -16.20 3.45 20.80
C ALA A 85 -14.77 3.63 20.29
N PHE A 86 -14.07 2.53 20.04
CA PHE A 86 -12.74 2.64 19.47
C PHE A 86 -12.84 3.04 18.01
N GLN A 87 -13.77 2.43 17.27
CA GLN A 87 -13.89 2.72 15.85
C GLN A 87 -14.10 4.21 15.65
N ASP A 88 -14.87 4.86 16.55
CA ASP A 88 -15.16 6.29 16.42
C ASP A 88 -13.90 7.15 16.55
N LYS A 89 -12.79 6.60 17.05
CA LYS A 89 -11.59 7.41 17.23
C LYS A 89 -10.81 7.52 15.91
N LEU A 90 -11.15 6.71 14.90
CA LEU A 90 -10.44 6.75 13.61
C LEU A 90 -11.38 7.23 12.51
N TYR A 91 -10.82 7.81 11.46
CA TYR A 91 -11.68 8.34 10.40
C TYR A 91 -12.44 7.21 9.71
N PRO A 92 -13.75 7.37 9.49
CA PRO A 92 -14.52 6.38 8.76
C PRO A 92 -13.92 5.96 7.41
N PHE A 93 -13.32 6.89 6.68
CA PHE A 93 -12.83 6.56 5.34
C PHE A 93 -11.66 5.58 5.45
N THR A 94 -10.97 5.54 6.60
CA THR A 94 -9.85 4.64 6.74
C THR A 94 -10.32 3.23 7.04
N TRP A 95 -11.41 3.10 7.80
CA TRP A 95 -11.92 1.77 8.12
C TRP A 95 -12.38 1.07 6.84
N ASP A 96 -12.85 1.83 5.84
CA ASP A 96 -13.31 1.16 4.63
C ASP A 96 -12.15 0.49 3.88
N ALA A 97 -10.94 1.02 4.03
CA ALA A 97 -9.79 0.44 3.34
C ALA A 97 -9.48 -0.96 3.87
N VAL A 98 -9.87 -1.26 5.13
CA VAL A 98 -9.48 -2.50 5.81
C VAL A 98 -10.70 -3.38 6.03
N ARG A 99 -11.77 -3.16 5.27
CA ARG A 99 -12.93 -4.03 5.32
C ARG A 99 -12.88 -4.97 4.13
N TYR A 100 -13.06 -6.28 4.41
CA TYR A 100 -12.96 -7.31 3.40
C TYR A 100 -14.13 -8.28 3.60
N ASN A 101 -14.98 -8.38 2.57
CA ASN A 101 -16.18 -9.23 2.63
C ASN A 101 -16.98 -8.94 3.91
N GLY A 102 -17.04 -7.65 4.24
CA GLY A 102 -17.87 -7.18 5.33
C GLY A 102 -17.17 -7.16 6.69
N LYS A 103 -15.94 -7.68 6.78
CA LYS A 103 -15.27 -7.84 8.07
C LYS A 103 -14.06 -6.92 8.13
N LEU A 104 -13.81 -6.37 9.31
CA LEU A 104 -12.58 -5.60 9.51
C LEU A 104 -11.43 -6.58 9.71
N ILE A 105 -10.34 -6.39 8.92
CA ILE A 105 -9.22 -7.32 8.86
CA ILE A 105 -9.24 -7.34 9.03
C ILE A 105 -7.91 -6.66 9.30
N ALA A 106 -7.94 -5.37 9.66
CA ALA A 106 -6.73 -4.69 10.11
C ALA A 106 -7.12 -3.37 10.74
N TYR A 107 -6.19 -2.85 11.55
CA TYR A 107 -6.33 -1.51 12.10
C TYR A 107 -5.66 -0.53 11.16
N PRO A 108 -6.38 0.50 10.69
CA PRO A 108 -5.73 1.55 9.88
C PRO A 108 -4.84 2.42 10.75
N ILE A 109 -3.65 2.74 10.22
CA ILE A 109 -2.68 3.55 10.95
C ILE A 109 -2.56 4.93 10.30
N ALA A 110 -2.32 4.97 8.98
CA ALA A 110 -2.02 6.26 8.34
C ALA A 110 -2.22 6.18 6.85
N VAL A 111 -2.57 7.33 6.26
CA VAL A 111 -2.85 7.47 4.84
C VAL A 111 -1.61 8.01 4.13
N GLU A 112 -1.21 7.27 3.10
CA GLU A 112 0.01 7.52 2.35
C GLU A 112 -0.38 7.85 0.91
N ALA A 113 0.05 9.02 0.44
CA ALA A 113 -0.05 9.32 -0.98
C ALA A 113 1.28 9.93 -1.40
N LEU A 114 1.66 9.67 -2.65
CA LEU A 114 2.87 10.28 -3.22
C LEU A 114 2.60 11.75 -3.50
N SER A 115 3.66 12.57 -3.35
CA SER A 115 3.60 13.97 -3.73
C SER A 115 4.81 14.31 -4.57
N LEU A 116 4.78 15.49 -5.20
CA LEU A 116 5.99 16.02 -5.85
C LEU A 116 6.80 16.74 -4.79
N ILE A 117 8.04 16.29 -4.60
CA ILE A 117 8.96 16.95 -3.66
C ILE A 117 9.98 17.72 -4.50
N TYR A 118 10.19 19.00 -4.16
CA TYR A 118 11.04 19.81 -5.03
C TYR A 118 12.01 20.65 -4.21
N ASN A 119 13.13 20.98 -4.84
CA ASN A 119 14.18 21.79 -4.23
C ASN A 119 13.87 23.25 -4.56
N LYS A 120 13.52 24.04 -3.53
CA LYS A 120 13.05 25.40 -3.74
C LYS A 120 14.15 26.31 -4.26
N ASP A 121 15.41 25.97 -3.98
CA ASP A 121 16.53 26.79 -4.42
C ASP A 121 16.74 26.64 -5.92
N LEU A 122 16.65 25.41 -6.43
CA LEU A 122 16.79 25.13 -7.86
C LEU A 122 15.53 25.49 -8.62
N LEU A 123 14.37 25.37 -7.97
CA LEU A 123 13.10 25.42 -8.67
C LEU A 123 12.08 26.05 -7.73
N PRO A 124 12.08 27.39 -7.55
CA PRO A 124 11.13 28.04 -6.63
C PRO A 124 9.67 27.86 -7.01
N ASN A 125 9.36 27.76 -8.31
N ASN A 125 9.42 27.59 -8.29
CA ASN A 125 8.02 27.50 -8.83
CA ASN A 125 8.06 27.52 -8.81
C ASN A 125 8.08 26.21 -9.63
C ASN A 125 7.95 26.24 -9.66
N PRO A 126 7.69 25.06 -9.04
CA PRO A 126 7.85 23.79 -9.74
C PRO A 126 6.78 23.61 -10.82
N PRO A 127 7.07 22.79 -11.85
CA PRO A 127 6.19 22.67 -13.00
C PRO A 127 4.85 22.08 -12.59
N LYS A 128 3.79 22.65 -13.16
CA LYS A 128 2.40 22.26 -12.99
CA LYS A 128 2.45 22.15 -12.88
C LYS A 128 2.09 21.02 -13.83
N THR A 129 2.89 20.83 -14.89
CA THR A 129 2.62 19.81 -15.90
C THR A 129 3.84 18.91 -16.12
N TRP A 130 3.58 17.64 -16.47
CA TRP A 130 4.62 16.72 -16.88
C TRP A 130 5.28 17.21 -18.17
N GLU A 131 4.46 17.84 -19.02
CA GLU A 131 4.92 18.26 -20.34
C GLU A 131 6.04 19.30 -20.28
N GLU A 132 6.10 20.06 -19.18
CA GLU A 132 7.14 21.07 -18.97
C GLU A 132 8.49 20.45 -18.59
N ILE A 133 8.50 19.15 -18.25
CA ILE A 133 9.69 18.62 -17.61
C ILE A 133 10.88 18.51 -18.58
N PRO A 134 10.70 18.04 -19.84
CA PRO A 134 11.84 17.95 -20.75
C PRO A 134 12.61 19.27 -20.88
N ALA A 135 11.87 20.37 -21.03
CA ALA A 135 12.52 21.67 -21.22
C ALA A 135 13.28 22.09 -19.97
N LEU A 136 12.65 21.82 -18.82
N LEU A 136 12.66 21.84 -18.80
CA LEU A 136 13.25 22.16 -17.55
CA LEU A 136 13.29 22.17 -17.52
C LEU A 136 14.55 21.37 -17.35
C LEU A 136 14.58 21.38 -17.37
N ASP A 137 14.54 20.10 -17.75
CA ASP A 137 15.69 19.25 -17.61
C ASP A 137 16.83 19.75 -18.50
N LYS A 138 16.52 20.23 -19.70
CA LYS A 138 17.57 20.71 -20.58
C LYS A 138 18.29 21.90 -19.93
N GLU A 139 17.50 22.82 -19.36
CA GLU A 139 18.07 23.98 -18.68
C GLU A 139 18.96 23.54 -17.51
N LEU A 140 18.47 22.58 -16.70
CA LEU A 140 19.21 22.18 -15.52
C LEU A 140 20.46 21.40 -15.91
N LYS A 141 20.42 20.69 -17.05
CA LYS A 141 21.56 19.92 -17.51
C LYS A 141 22.73 20.83 -17.85
N ALA A 142 22.41 22.03 -18.34
CA ALA A 142 23.44 23.02 -18.67
C ALA A 142 24.04 23.60 -17.39
N LYS A 143 23.45 23.27 -16.23
CA LYS A 143 24.00 23.71 -14.95
C LYS A 143 24.52 22.50 -14.16
N GLY A 144 24.62 21.35 -14.80
CA GLY A 144 25.14 20.15 -14.17
C GLY A 144 24.14 19.45 -13.23
N LYS A 145 22.85 19.72 -13.45
CA LYS A 145 21.78 19.19 -12.61
C LYS A 145 20.81 18.42 -13.51
N SER A 146 19.76 17.87 -12.90
CA SER A 146 18.67 17.27 -13.66
C SER A 146 17.37 17.73 -13.02
N ALA A 147 16.27 17.60 -13.78
CA ALA A 147 14.95 18.02 -13.31
C ALA A 147 14.31 17.03 -12.32
N LEU A 148 14.33 15.74 -12.64
CA LEU A 148 13.47 14.79 -11.93
C LEU A 148 14.15 13.42 -11.84
N MET A 149 14.16 12.85 -10.64
CA MET A 149 14.57 11.47 -10.43
C MET A 149 13.66 10.85 -9.39
N PHE A 150 13.12 9.68 -9.73
CA PHE A 150 12.29 8.93 -8.79
C PHE A 150 12.42 7.44 -9.15
N ASN A 151 11.91 6.60 -8.23
CA ASN A 151 12.11 5.17 -8.32
C ASN A 151 11.34 4.61 -9.51
N LEU A 152 12.04 4.10 -10.53
CA LEU A 152 11.38 3.59 -11.73
C LEU A 152 11.21 2.08 -11.62
N GLN A 153 11.67 1.47 -10.52
CA GLN A 153 11.67 0.02 -10.38
C GLN A 153 10.42 -0.49 -9.69
N GLU A 154 9.68 0.41 -9.06
CA GLU A 154 8.49 -0.06 -8.35
C GLU A 154 7.31 0.66 -8.97
N PRO A 155 6.29 -0.07 -9.46
CA PRO A 155 5.20 0.56 -10.22
C PRO A 155 4.34 1.52 -9.40
N TYR A 156 4.38 1.42 -8.07
CA TYR A 156 3.71 2.41 -7.23
C TYR A 156 4.04 3.83 -7.69
N PHE A 157 5.32 4.06 -8.08
CA PHE A 157 5.74 5.43 -8.34
C PHE A 157 5.37 5.91 -9.75
N THR A 158 5.18 5.00 -10.72
CA THR A 158 4.85 5.38 -12.09
CA THR A 158 4.85 5.38 -12.09
C THR A 158 3.34 5.34 -12.32
N TRP A 159 2.61 4.57 -11.50
CA TRP A 159 1.18 4.47 -11.63
C TRP A 159 0.49 5.84 -11.72
N PRO A 160 0.85 6.89 -10.93
CA PRO A 160 0.06 8.13 -10.93
C PRO A 160 0.01 8.71 -12.35
N LEU A 161 1.10 8.55 -13.10
CA LEU A 161 1.17 9.01 -14.51
C LEU A 161 0.40 8.07 -15.44
N ILE A 162 0.50 6.75 -15.24
CA ILE A 162 -0.28 5.83 -16.07
C ILE A 162 -1.78 6.05 -15.91
N ALA A 163 -2.22 6.35 -14.68
CA ALA A 163 -3.64 6.50 -14.41
C ALA A 163 -4.16 7.87 -14.86
N ALA A 164 -3.26 8.86 -15.02
CA ALA A 164 -3.71 10.25 -15.16
C ALA A 164 -4.71 10.41 -16.31
N ASP A 165 -4.44 9.80 -17.48
CA ASP A 165 -5.28 10.00 -18.67
C ASP A 165 -6.15 8.77 -18.92
N GLY A 166 -6.21 7.83 -17.98
CA GLY A 166 -7.30 6.88 -18.02
C GLY A 166 -6.94 5.45 -17.63
N GLY A 167 -5.66 5.20 -17.36
CA GLY A 167 -5.32 3.85 -16.93
C GLY A 167 -6.04 3.48 -15.63
N TYR A 168 -6.46 2.22 -15.51
CA TYR A 168 -7.03 1.73 -14.25
C TYR A 168 -6.62 0.29 -13.99
N ALA A 169 -6.76 -0.15 -12.73
CA ALA A 169 -6.42 -1.52 -12.37
C ALA A 169 -7.60 -2.43 -12.74
N PHE A 170 -8.64 -2.39 -11.91
CA PHE A 170 -9.82 -3.22 -12.15
C PHE A 170 -11.05 -2.32 -12.16
N LYS A 171 -11.97 -2.61 -13.11
CA LYS A 171 -13.18 -1.80 -13.20
C LYS A 171 -14.06 -2.01 -11.96
N TYR A 172 -14.51 -0.87 -11.43
N TYR A 172 -14.59 -0.93 -11.39
CA TYR A 172 -15.21 -0.73 -10.17
CA TYR A 172 -15.54 -1.13 -10.30
C TYR A 172 -16.61 -0.24 -10.49
C TYR A 172 -16.96 -0.88 -10.84
N GLU A 173 -17.60 -1.12 -10.29
N GLU A 173 -17.86 -1.84 -10.60
CA GLU A 173 -18.99 -0.75 -10.51
CA GLU A 173 -19.20 -1.78 -11.15
C GLU A 173 -19.86 -1.34 -9.41
C GLU A 173 -20.16 -2.57 -10.26
N ASN A 174 -20.80 -0.51 -8.92
N ASN A 174 -21.34 -1.98 -9.98
CA ASN A 174 -21.71 -0.89 -7.85
CA ASN A 174 -22.37 -2.68 -9.23
C ASN A 174 -20.93 -1.53 -6.72
C ASN A 174 -21.80 -3.24 -7.93
N GLY A 175 -19.85 -0.86 -6.29
N GLY A 175 -20.96 -2.44 -7.25
CA GLY A 175 -19.09 -1.23 -5.11
CA GLY A 175 -20.53 -2.75 -5.89
C GLY A 175 -18.29 -2.53 -5.28
C GLY A 175 -19.43 -3.80 -5.81
N LYS A 176 -18.18 -3.04 -6.51
N LYS A 176 -18.74 -4.06 -6.93
CA LYS A 176 -17.55 -4.34 -6.74
CA LYS A 176 -17.67 -5.04 -6.94
C LYS A 176 -16.46 -4.19 -7.80
C LYS A 176 -16.62 -4.67 -8.00
N TYR A 177 -15.35 -4.94 -7.67
CA TYR A 177 -14.29 -4.91 -8.67
C TYR A 177 -14.38 -6.13 -9.56
N ASP A 178 -14.32 -5.90 -10.87
CA ASP A 178 -14.35 -6.96 -11.87
C ASP A 178 -12.93 -7.37 -12.24
N ILE A 179 -12.49 -8.55 -11.76
CA ILE A 179 -11.09 -8.94 -11.95
C ILE A 179 -10.82 -9.48 -13.35
N LYS A 180 -11.84 -9.47 -14.21
CA LYS A 180 -11.63 -9.78 -15.62
C LYS A 180 -11.58 -8.51 -16.47
N ASP A 181 -11.74 -7.34 -15.86
CA ASP A 181 -11.79 -6.09 -16.60
C ASP A 181 -10.68 -5.17 -16.08
N VAL A 182 -9.56 -5.20 -16.80
CA VAL A 182 -8.33 -4.55 -16.41
C VAL A 182 -8.10 -3.35 -17.33
N GLY A 183 -7.50 -2.27 -16.81
CA GLY A 183 -7.38 -1.02 -17.54
C GLY A 183 -5.94 -0.58 -17.79
N VAL A 184 -5.02 -1.54 -17.90
N VAL A 184 -5.08 -1.59 -17.96
CA VAL A 184 -3.62 -1.14 -18.01
CA VAL A 184 -3.64 -1.43 -18.00
C VAL A 184 -3.16 -0.99 -19.45
C VAL A 184 -3.14 -1.12 -19.42
N ASP A 185 -3.97 -1.40 -20.45
CA ASP A 185 -3.50 -1.25 -21.82
CA ASP A 185 -3.56 -1.32 -21.83
C ASP A 185 -4.48 -0.42 -22.64
N ASN A 186 -5.22 0.43 -21.95
CA ASN A 186 -6.09 1.36 -22.66
C ASN A 186 -5.30 2.56 -23.18
N ALA A 187 -5.99 3.44 -23.92
CA ALA A 187 -5.30 4.56 -24.54
C ALA A 187 -4.62 5.46 -23.49
N GLY A 188 -5.28 5.64 -22.32
CA GLY A 188 -4.70 6.51 -21.31
C GLY A 188 -3.45 5.93 -20.64
N ALA A 189 -3.49 4.62 -20.37
CA ALA A 189 -2.31 3.96 -19.80
C ALA A 189 -1.14 4.00 -20.79
N LYS A 190 -1.45 3.74 -22.07
CA LYS A 190 -0.41 3.80 -23.08
C LYS A 190 0.17 5.20 -23.19
N ALA A 191 -0.68 6.23 -23.12
CA ALA A 191 -0.17 7.60 -23.27
C ALA A 191 0.79 7.93 -22.12
N GLY A 192 0.40 7.57 -20.90
CA GLY A 192 1.24 7.92 -19.78
C GLY A 192 2.56 7.17 -19.80
N LEU A 193 2.52 5.85 -20.04
CA LEU A 193 3.78 5.11 -20.03
C LEU A 193 4.68 5.53 -21.21
N THR A 194 4.08 5.82 -22.38
CA THR A 194 4.85 6.37 -23.49
C THR A 194 5.54 7.68 -23.10
N PHE A 195 4.85 8.54 -22.36
CA PHE A 195 5.52 9.78 -21.93
C PHE A 195 6.74 9.48 -21.07
N LEU A 196 6.60 8.53 -20.12
CA LEU A 196 7.72 8.15 -19.28
C LEU A 196 8.87 7.59 -20.12
N VAL A 197 8.56 6.66 -21.03
CA VAL A 197 9.59 6.04 -21.84
C VAL A 197 10.28 7.07 -22.73
N ASP A 198 9.51 8.04 -23.25
CA ASP A 198 10.08 9.14 -24.03
C ASP A 198 11.04 9.97 -23.18
N LEU A 199 10.72 10.17 -21.89
CA LEU A 199 11.64 10.92 -21.04
C LEU A 199 12.99 10.22 -21.00
N ILE A 200 12.97 8.89 -20.90
CA ILE A 200 14.18 8.07 -20.83
C ILE A 200 14.90 8.12 -22.18
N LYS A 201 14.14 7.93 -23.26
CA LYS A 201 14.76 7.96 -24.58
C LYS A 201 15.49 9.27 -24.83
N ASN A 202 14.91 10.37 -24.34
CA ASN A 202 15.45 11.70 -24.59
C ASN A 202 16.46 12.11 -23.51
N LYS A 203 16.83 11.15 -22.67
CA LYS A 203 17.87 11.26 -21.67
C LYS A 203 17.54 12.31 -20.61
N HIS A 204 16.25 12.42 -20.28
CA HIS A 204 15.82 13.21 -19.15
C HIS A 204 15.69 12.34 -17.89
N MET A 205 15.63 11.01 -18.04
CA MET A 205 15.66 10.09 -16.90
C MET A 205 16.41 8.83 -17.34
N ASN A 206 16.86 8.04 -16.37
CA ASN A 206 17.60 6.81 -16.59
CA ASN A 206 17.60 6.81 -16.60
C ASN A 206 16.74 5.64 -16.12
N ALA A 207 16.56 4.62 -16.99
CA ALA A 207 15.71 3.48 -16.69
C ALA A 207 16.16 2.75 -15.43
N ASP A 208 17.43 2.87 -15.04
CA ASP A 208 18.00 2.13 -13.93
CA ASP A 208 17.94 2.09 -13.93
C ASP A 208 17.75 2.83 -12.60
N THR A 209 17.15 4.04 -12.64
CA THR A 209 17.00 4.79 -11.40
C THR A 209 16.07 4.04 -10.45
N ASP A 210 16.53 3.85 -9.21
CA ASP A 210 15.80 3.14 -8.17
C ASP A 210 15.59 4.05 -6.97
N TYR A 211 15.11 3.46 -5.85
CA TYR A 211 14.75 4.29 -4.71
C TYR A 211 15.99 4.98 -4.16
N SER A 212 17.06 4.19 -3.93
CA SER A 212 18.27 4.74 -3.36
CA SER A 212 18.30 4.71 -3.37
C SER A 212 18.90 5.80 -4.26
N ILE A 213 18.97 5.55 -5.57
CA ILE A 213 19.62 6.47 -6.49
C ILE A 213 18.86 7.81 -6.48
N ALA A 214 17.53 7.74 -6.55
CA ALA A 214 16.76 8.99 -6.59
C ALA A 214 16.88 9.72 -5.26
N GLU A 215 16.80 8.99 -4.14
CA GLU A 215 16.88 9.62 -2.82
C GLU A 215 18.24 10.31 -2.65
N ALA A 216 19.31 9.61 -3.02
CA ALA A 216 20.64 10.19 -2.86
C ALA A 216 20.79 11.46 -3.69
N ALA A 217 20.32 11.44 -4.94
CA ALA A 217 20.46 12.56 -5.84
C ALA A 217 19.66 13.76 -5.33
N PHE A 218 18.41 13.52 -4.90
CA PHE A 218 17.61 14.64 -4.42
C PHE A 218 18.27 15.25 -3.18
N ASN A 219 18.72 14.39 -2.28
CA ASN A 219 19.13 14.88 -0.97
C ASN A 219 20.50 15.55 -1.03
N LYS A 220 21.22 15.33 -2.14
CA LYS A 220 22.50 15.98 -2.37
C LYS A 220 22.37 17.24 -3.23
N GLY A 221 21.15 17.59 -3.65
CA GLY A 221 20.95 18.75 -4.49
C GLY A 221 21.31 18.56 -5.97
N GLU A 222 21.34 17.31 -6.46
CA GLU A 222 21.74 17.04 -7.82
C GLU A 222 20.55 17.09 -8.77
N THR A 223 19.36 16.77 -8.24
CA THR A 223 18.14 16.79 -9.05
C THR A 223 17.12 17.72 -8.39
N ALA A 224 16.30 18.39 -9.18
CA ALA A 224 15.41 19.42 -8.67
C ALA A 224 14.11 18.86 -8.06
N MET A 225 13.75 17.63 -8.44
CA MET A 225 12.45 17.10 -8.03
C MET A 225 12.58 15.60 -7.82
N THR A 226 11.74 15.08 -6.94
CA THR A 226 11.55 13.64 -6.80
C THR A 226 10.08 13.41 -6.51
N ILE A 227 9.68 12.12 -6.55
CA ILE A 227 8.33 11.73 -6.23
C ILE A 227 8.44 10.73 -5.09
N ASN A 228 7.81 11.03 -3.96
CA ASN A 228 7.97 10.11 -2.85
C ASN A 228 6.88 10.38 -1.81
N GLY A 229 6.85 9.52 -0.80
CA GLY A 229 5.83 9.57 0.24
C GLY A 229 6.37 10.20 1.52
N PRO A 230 5.51 10.35 2.53
CA PRO A 230 5.92 11.05 3.75
C PRO A 230 7.10 10.44 4.51
N TRP A 231 7.30 9.12 4.38
CA TRP A 231 8.39 8.44 5.07
C TRP A 231 9.74 9.01 4.63
N ALA A 232 9.80 9.63 3.44
CA ALA A 232 11.05 10.15 2.91
C ALA A 232 11.43 11.51 3.49
N TRP A 233 10.52 12.17 4.22
CA TRP A 233 10.79 13.56 4.58
C TRP A 233 11.88 13.62 5.64
N SER A 234 11.99 12.59 6.49
CA SER A 234 12.99 12.57 7.56
CA SER A 234 13.00 12.59 7.55
C SER A 234 14.41 12.81 7.01
N ASN A 235 14.80 12.02 6.00
CA ASN A 235 16.14 12.13 5.44
C ASN A 235 16.31 13.48 4.75
N ILE A 236 15.23 14.03 4.15
CA ILE A 236 15.40 15.33 3.51
C ILE A 236 15.63 16.42 4.56
N ASP A 237 14.97 16.28 5.72
CA ASP A 237 15.11 17.29 6.76
C ASP A 237 16.56 17.45 7.20
N THR A 238 17.33 16.35 7.26
CA THR A 238 18.71 16.44 7.74
C THR A 238 19.73 16.69 6.62
N SER A 239 19.24 16.83 5.37
N SER A 239 19.26 16.64 5.37
CA SER A 239 20.08 16.89 4.18
CA SER A 239 20.05 17.11 4.25
C SER A 239 20.51 18.32 3.85
C SER A 239 20.08 18.64 4.30
N LYS A 240 19.85 19.31 4.45
N LYS A 240 20.89 19.24 3.44
CA LYS A 240 20.06 20.73 4.19
CA LYS A 240 20.92 20.69 3.39
C LYS A 240 19.25 21.26 3.02
C LYS A 240 19.90 21.23 2.38
N VAL A 241 18.90 20.41 2.02
CA VAL A 241 17.99 20.82 0.94
C VAL A 241 16.78 21.59 1.47
N ASN A 242 16.52 22.74 0.86
CA ASN A 242 15.33 23.53 1.16
CA ASN A 242 15.35 23.55 1.13
C ASN A 242 14.21 23.04 0.25
N TYR A 243 13.33 22.20 0.80
CA TYR A 243 12.38 21.48 -0.04
C TYR A 243 10.95 21.89 0.25
N GLY A 244 10.12 21.68 -0.80
CA GLY A 244 8.67 21.79 -0.66
C GLY A 244 8.01 20.49 -1.09
N VAL A 245 6.75 20.36 -0.68
CA VAL A 245 5.93 19.18 -1.03
C VAL A 245 4.65 19.71 -1.68
N THR A 246 4.33 19.21 -2.88
CA THR A 246 3.24 19.84 -3.61
C THR A 246 2.45 18.83 -4.43
N VAL A 247 1.44 19.33 -5.13
CA VAL A 247 0.63 18.49 -5.99
CA VAL A 247 0.62 18.53 -6.03
C VAL A 247 1.48 17.96 -7.15
N LEU A 248 1.25 16.68 -7.50
CA LEU A 248 1.91 16.07 -8.63
C LEU A 248 1.55 16.83 -9.91
N PRO A 249 2.43 16.79 -10.93
CA PRO A 249 2.13 17.48 -12.19
C PRO A 249 0.94 16.80 -12.89
N THR A 250 0.22 17.59 -13.70
CA THR A 250 -0.82 17.05 -14.55
C THR A 250 -0.24 16.47 -15.83
N PHE A 251 -1.03 15.59 -16.47
CA PHE A 251 -0.63 15.05 -17.75
C PHE A 251 -1.84 15.13 -18.68
N LYS A 252 -1.62 15.69 -19.88
CA LYS A 252 -2.73 15.96 -20.78
C LYS A 252 -3.85 16.71 -20.07
N GLY A 253 -3.45 17.58 -19.14
CA GLY A 253 -4.37 18.43 -18.42
C GLY A 253 -5.12 17.76 -17.27
N GLN A 254 -4.81 16.49 -17.01
CA GLN A 254 -5.51 15.69 -16.02
CA GLN A 254 -5.52 15.76 -15.98
C GLN A 254 -4.60 15.50 -14.80
N PRO A 255 -5.12 15.50 -13.55
CA PRO A 255 -4.27 15.25 -12.40
C PRO A 255 -3.61 13.88 -12.51
N SER A 256 -2.38 13.80 -11.97
CA SER A 256 -1.80 12.50 -11.67
C SER A 256 -2.65 11.87 -10.58
N LYS A 257 -2.80 10.54 -10.65
CA LYS A 257 -3.80 9.89 -9.81
C LYS A 257 -3.11 8.78 -9.05
N PRO A 258 -2.44 9.09 -7.92
CA PRO A 258 -1.72 8.07 -7.18
C PRO A 258 -2.69 7.06 -6.60
N PHE A 259 -2.22 5.81 -6.55
CA PHE A 259 -2.90 4.82 -5.72
C PHE A 259 -2.54 5.09 -4.28
N VAL A 260 -3.57 5.30 -3.45
CA VAL A 260 -3.41 5.72 -2.05
C VAL A 260 -3.41 4.49 -1.17
N GLY A 261 -2.39 4.39 -0.29
CA GLY A 261 -2.32 3.25 0.60
C GLY A 261 -2.64 3.67 2.01
N VAL A 262 -3.29 2.77 2.75
CA VAL A 262 -3.47 2.99 4.18
C VAL A 262 -2.56 1.99 4.88
N LEU A 263 -1.52 2.49 5.57
CA LEU A 263 -0.68 1.59 6.35
C LEU A 263 -1.56 0.99 7.45
N SER A 264 -1.54 -0.35 7.54
CA SER A 264 -2.53 -1.04 8.37
C SER A 264 -1.84 -2.16 9.11
N ALA A 265 -2.42 -2.55 10.28
CA ALA A 265 -1.82 -3.58 11.11
C ALA A 265 -2.81 -4.71 11.28
N GLY A 266 -2.42 -5.87 10.77
CA GLY A 266 -3.25 -7.07 10.89
C GLY A 266 -2.73 -8.05 11.95
N ILE A 267 -3.64 -8.93 12.42
CA ILE A 267 -3.29 -9.92 13.43
C ILE A 267 -3.31 -11.31 12.76
N ASN A 268 -2.18 -12.00 12.85
CA ASN A 268 -2.03 -13.32 12.27
C ASN A 268 -3.09 -14.27 12.86
N ALA A 269 -3.81 -14.96 11.98
CA ALA A 269 -4.88 -15.88 12.38
C ALA A 269 -4.36 -16.97 13.32
N ALA A 270 -3.07 -17.31 13.18
CA ALA A 270 -2.48 -18.38 13.98
C ALA A 270 -1.91 -17.85 15.30
N SER A 271 -1.98 -16.53 15.54
CA SER A 271 -1.39 -16.01 16.76
C SER A 271 -2.14 -16.50 18.00
N PRO A 272 -1.42 -16.97 19.05
CA PRO A 272 -2.08 -17.23 20.34
C PRO A 272 -2.10 -16.00 21.23
N ASN A 273 -1.76 -14.85 20.63
CA ASN A 273 -1.59 -13.60 21.35
C ASN A 273 -2.56 -12.53 20.83
N LYS A 274 -3.74 -12.92 20.37
CA LYS A 274 -4.63 -11.96 19.72
C LYS A 274 -5.09 -10.87 20.66
N GLU A 275 -5.32 -11.18 21.95
CA GLU A 275 -5.75 -10.19 22.94
CA GLU A 275 -5.75 -10.17 22.90
C GLU A 275 -4.61 -9.22 23.23
N LEU A 276 -3.38 -9.76 23.39
CA LEU A 276 -2.24 -8.88 23.59
C LEU A 276 -2.10 -7.94 22.40
N ALA A 277 -2.22 -8.49 21.17
CA ALA A 277 -2.09 -7.67 19.99
C ALA A 277 -3.11 -6.54 19.97
N LYS A 278 -4.36 -6.87 20.29
CA LYS A 278 -5.38 -5.83 20.37
C LYS A 278 -5.02 -4.77 21.40
N GLU A 279 -4.56 -5.21 22.59
CA GLU A 279 -4.14 -4.32 23.67
CA GLU A 279 -4.20 -4.26 23.63
C GLU A 279 -3.09 -3.34 23.14
N PHE A 280 -2.04 -3.90 22.53
CA PHE A 280 -0.97 -3.08 22.01
C PHE A 280 -1.48 -2.11 20.94
N LEU A 281 -2.26 -2.60 19.99
CA LEU A 281 -2.60 -1.75 18.86
C LEU A 281 -3.59 -0.66 19.29
N GLU A 282 -4.61 -1.03 20.06
CA GLU A 282 -5.63 -0.03 20.42
C GLU A 282 -5.14 0.91 21.51
N ASN A 283 -4.42 0.40 22.53
CA ASN A 283 -4.20 1.21 23.72
C ASN A 283 -2.79 1.78 23.82
N TYR A 284 -1.89 1.36 22.93
CA TYR A 284 -0.51 1.87 22.94
C TYR A 284 -0.19 2.56 21.61
N LEU A 285 -0.38 1.83 20.50
CA LEU A 285 0.02 2.43 19.22
C LEU A 285 -0.95 3.53 18.77
N LEU A 286 -2.27 3.23 18.74
CA LEU A 286 -3.26 4.19 18.23
C LEU A 286 -3.69 5.17 19.35
N THR A 287 -2.67 5.86 19.87
CA THR A 287 -2.78 6.97 20.82
C THR A 287 -1.91 8.10 20.31
N ASP A 288 -2.14 9.31 20.82
CA ASP A 288 -1.32 10.42 20.40
C ASP A 288 0.16 10.14 20.70
N GLU A 289 0.47 9.59 21.88
CA GLU A 289 1.86 9.36 22.25
CA GLU A 289 1.84 9.32 22.28
C GLU A 289 2.46 8.25 21.38
N GLY A 290 1.67 7.20 21.08
CA GLY A 290 2.23 6.10 20.29
C GLY A 290 2.51 6.53 18.85
N LEU A 291 1.54 7.22 18.23
CA LEU A 291 1.77 7.65 16.85
C LEU A 291 2.85 8.72 16.80
N GLU A 292 2.98 9.56 17.84
CA GLU A 292 4.04 10.56 17.85
C GLU A 292 5.39 9.84 17.81
N ALA A 293 5.55 8.76 18.57
CA ALA A 293 6.83 8.07 18.62
C ALA A 293 7.22 7.53 17.24
N VAL A 294 6.25 6.96 16.52
CA VAL A 294 6.54 6.40 15.21
C VAL A 294 6.77 7.53 14.21
N ASN A 295 5.92 8.56 14.29
CA ASN A 295 5.96 9.68 13.34
C ASN A 295 7.27 10.46 13.43
N LYS A 296 7.81 10.58 14.66
CA LYS A 296 9.07 11.26 14.92
CA LYS A 296 9.06 11.30 14.86
C LYS A 296 10.23 10.52 14.26
N ASP A 297 10.08 9.21 14.12
CA ASP A 297 11.11 8.38 13.50
C ASP A 297 11.05 8.56 11.97
N LYS A 298 9.94 8.14 11.36
CA LYS A 298 9.70 8.42 9.96
C LYS A 298 8.26 8.90 9.82
N PRO A 299 7.96 10.04 9.19
CA PRO A 299 6.57 10.50 9.13
C PRO A 299 5.64 9.48 8.49
N LEU A 300 4.49 9.29 9.15
CA LEU A 300 3.48 8.33 8.76
C LEU A 300 2.61 8.80 7.60
N GLY A 301 2.51 10.13 7.42
CA GLY A 301 1.45 10.67 6.59
C GLY A 301 0.28 11.18 7.43
N ALA A 302 -0.91 11.14 6.83
CA ALA A 302 -2.11 11.60 7.51
C ALA A 302 -2.65 10.46 8.36
N VAL A 303 -2.51 10.59 9.68
CA VAL A 303 -2.80 9.45 10.52
C VAL A 303 -4.30 9.24 10.62
N ALA A 304 -4.68 7.99 10.94
CA ALA A 304 -6.08 7.62 10.99
C ALA A 304 -6.74 8.05 12.29
N LEU A 305 -5.93 8.30 13.35
CA LEU A 305 -6.44 8.68 14.66
C LEU A 305 -6.79 10.17 14.64
N LYS A 306 -8.08 10.46 14.80
CA LYS A 306 -8.54 11.84 14.67
C LYS A 306 -7.78 12.78 15.60
N SER A 307 -7.59 12.39 16.86
CA SER A 307 -7.06 13.33 17.83
C SER A 307 -5.67 13.81 17.43
N TYR A 308 -4.83 12.93 16.88
CA TYR A 308 -3.48 13.33 16.52
CA TYR A 308 -3.48 13.31 16.52
C TYR A 308 -3.47 13.99 15.14
N GLU A 309 -4.34 13.55 14.22
CA GLU A 309 -4.35 14.14 12.89
C GLU A 309 -4.78 15.61 12.98
N GLU A 310 -5.56 15.96 14.00
CA GLU A 310 -5.93 17.37 14.15
C GLU A 310 -4.68 18.24 14.19
N GLU A 311 -3.60 17.76 14.83
CA GLU A 311 -2.33 18.47 14.87
CA GLU A 311 -2.37 18.51 14.85
C GLU A 311 -1.61 18.35 13.53
N LEU A 312 -1.44 17.11 13.04
CA LEU A 312 -0.59 16.93 11.86
C LEU A 312 -1.12 17.65 10.63
N ALA A 313 -2.46 17.74 10.50
CA ALA A 313 -3.09 18.34 9.31
C ALA A 313 -2.74 19.81 9.16
N LYS A 314 -2.19 20.43 10.21
CA LYS A 314 -1.79 21.82 10.08
C LYS A 314 -0.49 21.98 9.29
N ASP A 315 0.20 20.87 9.05
CA ASP A 315 1.45 20.90 8.31
C ASP A 315 1.16 20.98 6.81
N PRO A 316 1.72 21.95 6.07
CA PRO A 316 1.47 22.05 4.64
C PRO A 316 1.87 20.79 3.85
N ARG A 317 2.85 20.03 4.37
CA ARG A 317 3.27 18.82 3.68
C ARG A 317 2.16 17.77 3.75
N ILE A 318 1.41 17.77 4.86
CA ILE A 318 0.28 16.86 5.00
C ILE A 318 -0.88 17.37 4.15
N ALA A 319 -1.11 18.69 4.14
CA ALA A 319 -2.13 19.19 3.23
C ALA A 319 -1.86 18.77 1.78
N ALA A 320 -0.59 18.81 1.35
CA ALA A 320 -0.26 18.41 -0.02
C ALA A 320 -0.48 16.91 -0.21
N THR A 321 -0.08 16.13 0.80
CA THR A 321 -0.35 14.71 0.76
C THR A 321 -1.82 14.43 0.51
N MET A 322 -2.69 15.12 1.27
CA MET A 322 -4.10 14.86 1.13
C MET A 322 -4.72 15.44 -0.14
N GLU A 323 -4.14 16.50 -0.70
CA GLU A 323 -4.59 16.98 -2.02
CA GLU A 323 -4.55 16.98 -2.02
C GLU A 323 -4.29 15.91 -3.07
N ASN A 324 -3.10 15.30 -2.99
CA ASN A 324 -2.79 14.24 -3.95
C ASN A 324 -3.66 13.00 -3.69
N ALA A 325 -3.93 12.68 -2.42
CA ALA A 325 -4.76 11.52 -2.12
C ALA A 325 -6.16 11.70 -2.73
N GLN A 326 -6.69 12.93 -2.64
CA GLN A 326 -8.03 13.21 -3.15
C GLN A 326 -8.10 13.16 -4.68
N LYS A 327 -6.96 13.37 -5.35
CA LYS A 327 -6.89 13.29 -6.80
CA LYS A 327 -6.92 13.28 -6.80
C LYS A 327 -6.72 11.86 -7.28
N GLY A 328 -6.18 11.00 -6.41
CA GLY A 328 -6.02 9.59 -6.72
C GLY A 328 -7.17 8.76 -6.18
N GLU A 329 -6.85 7.52 -5.82
CA GLU A 329 -7.86 6.55 -5.40
CA GLU A 329 -7.89 6.65 -5.27
C GLU A 329 -7.27 5.66 -4.31
N ILE A 330 -8.06 5.37 -3.26
CA ILE A 330 -7.69 4.34 -2.30
C ILE A 330 -7.62 3.03 -3.07
N MET A 331 -6.51 2.30 -2.86
CA MET A 331 -6.29 1.08 -3.62
C MET A 331 -7.40 0.10 -3.28
N PRO A 332 -7.78 -0.79 -4.22
CA PRO A 332 -8.55 -1.97 -3.83
C PRO A 332 -7.70 -2.83 -2.89
N ASN A 333 -8.39 -3.61 -2.04
CA ASN A 333 -7.69 -4.58 -1.18
C ASN A 333 -7.89 -6.01 -1.66
N ILE A 334 -8.47 -6.18 -2.86
CA ILE A 334 -8.84 -7.52 -3.34
C ILE A 334 -7.61 -8.38 -3.55
N PRO A 335 -7.76 -9.72 -3.43
CA PRO A 335 -6.66 -10.64 -3.69
C PRO A 335 -5.87 -10.44 -4.98
N GLN A 336 -6.56 -9.99 -6.05
CA GLN A 336 -5.90 -9.87 -7.33
C GLN A 336 -4.92 -8.71 -7.37
N MET A 337 -4.83 -7.91 -6.30
CA MET A 337 -3.92 -6.78 -6.37
C MET A 337 -2.48 -7.22 -6.54
N SER A 338 -2.04 -8.34 -5.95
CA SER A 338 -0.63 -8.67 -6.07
CA SER A 338 -0.66 -8.80 -6.06
C SER A 338 -0.31 -9.04 -7.53
N ALA A 339 -1.24 -9.73 -8.21
CA ALA A 339 -1.04 -9.99 -9.64
C ALA A 339 -0.99 -8.71 -10.46
N PHE A 340 -1.86 -7.76 -10.14
CA PHE A 340 -1.84 -6.47 -10.81
C PHE A 340 -0.45 -5.85 -10.68
N TRP A 341 0.05 -5.72 -9.44
CA TRP A 341 1.29 -5.00 -9.25
C TRP A 341 2.44 -5.73 -9.93
N TYR A 342 2.47 -7.06 -9.89
CA TYR A 342 3.55 -7.78 -10.58
C TYR A 342 3.51 -7.52 -12.08
N ALA A 343 2.30 -7.48 -12.65
CA ALA A 343 2.18 -7.27 -14.09
C ALA A 343 2.64 -5.87 -14.48
N VAL A 344 2.24 -4.84 -13.70
CA VAL A 344 2.61 -3.49 -14.04
C VAL A 344 4.11 -3.31 -13.80
N ARG A 345 4.67 -3.92 -12.75
CA ARG A 345 6.10 -3.89 -12.50
CA ARG A 345 6.11 -3.86 -12.51
C ARG A 345 6.85 -4.36 -13.74
N THR A 346 6.42 -5.51 -14.28
CA THR A 346 7.08 -6.11 -15.43
C THR A 346 6.99 -5.19 -16.65
N ALA A 347 5.80 -4.64 -16.91
CA ALA A 347 5.59 -3.79 -18.07
C ALA A 347 6.48 -2.54 -18.00
N VAL A 348 6.49 -1.88 -16.84
CA VAL A 348 7.26 -0.65 -16.76
C VAL A 348 8.75 -0.96 -16.92
N ILE A 349 9.25 -2.02 -16.26
CA ILE A 349 10.69 -2.28 -16.34
C ILE A 349 11.06 -2.66 -17.77
N ASN A 350 10.23 -3.49 -18.40
CA ASN A 350 10.63 -3.97 -19.71
C ASN A 350 10.54 -2.84 -20.74
N ALA A 351 9.52 -1.97 -20.65
CA ALA A 351 9.38 -0.88 -21.61
C ALA A 351 10.44 0.19 -21.33
N ALA A 352 10.71 0.46 -20.05
CA ALA A 352 11.65 1.55 -19.75
C ALA A 352 13.06 1.18 -20.19
N SER A 353 13.41 -0.11 -20.16
CA SER A 353 14.73 -0.62 -20.51
C SER A 353 14.92 -0.64 -22.03
N GLY A 354 13.83 -0.39 -22.75
CA GLY A 354 13.81 -0.43 -24.21
C GLY A 354 13.90 -1.84 -24.81
N ARG A 355 13.70 -2.89 -24.01
CA ARG A 355 13.84 -4.21 -24.60
CA ARG A 355 13.80 -4.26 -24.48
C ARG A 355 12.49 -4.68 -25.16
N GLN A 356 11.45 -3.85 -25.01
CA GLN A 356 10.10 -4.14 -25.49
C GLN A 356 9.36 -2.82 -25.66
N THR A 357 8.42 -2.74 -26.59
CA THR A 357 7.66 -1.50 -26.78
C THR A 357 6.66 -1.33 -25.63
N VAL A 358 6.20 -0.09 -25.44
CA VAL A 358 5.14 0.19 -24.49
C VAL A 358 3.91 -0.65 -24.82
N ASP A 359 3.51 -0.67 -26.09
CA ASP A 359 2.28 -1.34 -26.46
C ASP A 359 2.37 -2.83 -26.16
N ALA A 360 3.52 -3.44 -26.45
CA ALA A 360 3.63 -4.87 -26.19
C ALA A 360 3.70 -5.15 -24.69
N ALA A 361 4.45 -4.30 -23.95
CA ALA A 361 4.55 -4.47 -22.50
C ALA A 361 3.16 -4.40 -21.86
N LEU A 362 2.40 -3.35 -22.19
CA LEU A 362 1.10 -3.20 -21.55
C LEU A 362 0.08 -4.24 -22.01
N ALA A 363 0.16 -4.70 -23.27
CA ALA A 363 -0.73 -5.78 -23.69
C ALA A 363 -0.48 -7.03 -22.86
N ALA A 364 0.81 -7.35 -22.61
CA ALA A 364 1.10 -8.53 -21.82
C ALA A 364 0.60 -8.35 -20.40
N ALA A 365 0.81 -7.15 -19.84
CA ALA A 365 0.38 -6.87 -18.48
C ALA A 365 -1.13 -6.96 -18.30
N GLN A 366 -1.86 -6.48 -19.32
CA GLN A 366 -3.30 -6.48 -19.26
C GLN A 366 -3.82 -7.89 -18.98
N THR A 367 -3.30 -8.89 -19.70
CA THR A 367 -3.73 -10.27 -19.50
CA THR A 367 -3.74 -10.27 -19.48
C THR A 367 -3.11 -10.86 -18.22
N ASN A 368 -1.87 -10.45 -17.91
CA ASN A 368 -1.17 -11.06 -16.78
C ASN A 368 -1.78 -10.59 -15.46
N ALA A 369 -2.47 -9.43 -15.45
CA ALA A 369 -3.04 -8.88 -14.22
C ALA A 369 -4.42 -9.50 -13.95
N ALA A 370 -5.08 -9.97 -15.00
CA ALA A 370 -6.47 -10.43 -14.90
C ALA A 370 -6.52 -11.83 -14.29
N ALA A 371 -7.72 -12.19 -13.82
CA ALA A 371 -7.92 -13.53 -13.28
C ALA A 371 -7.51 -14.57 -14.32
N LYS A 372 -6.77 -15.58 -13.85
CA LYS A 372 -6.28 -16.67 -14.67
C LYS A 372 -7.28 -17.82 -14.69
N SER A 373 -7.94 -18.05 -13.55
CA SER A 373 -8.81 -19.21 -13.44
C SER A 373 -10.24 -18.78 -13.76
N SER A 374 -11.06 -19.71 -14.26
CA SER A 374 -12.42 -19.35 -14.60
C SER A 374 -13.28 -19.36 -13.33
N ALA A 375 -14.33 -18.55 -13.35
CA ALA A 375 -15.35 -18.58 -12.31
C ALA A 375 -16.34 -19.71 -12.56
N ALA A 376 -16.85 -20.29 -11.46
CA ALA A 376 -18.04 -21.12 -11.53
C ALA A 376 -19.23 -20.28 -11.99
N SER A 377 -20.27 -20.96 -12.46
CA SER A 377 -21.49 -20.25 -12.78
C SER A 377 -22.09 -19.65 -11.51
N PRO A 378 -22.93 -18.61 -11.63
CA PRO A 378 -23.58 -18.02 -10.45
C PRO A 378 -24.30 -19.07 -9.60
N ALA A 379 -25.05 -19.97 -10.26
CA ALA A 379 -25.82 -20.97 -9.51
C ALA A 379 -24.87 -21.93 -8.79
N ALA A 380 -23.82 -22.41 -9.47
CA ALA A 380 -22.92 -23.37 -8.86
C ALA A 380 -22.19 -22.73 -7.69
N LEU A 381 -21.79 -21.46 -7.87
CA LEU A 381 -21.02 -20.79 -6.85
C LEU A 381 -21.84 -20.58 -5.58
N SER A 382 -23.12 -20.20 -5.73
CA SER A 382 -23.95 -20.05 -4.54
C SER A 382 -24.11 -21.38 -3.81
N GLY A 383 -24.21 -22.48 -4.57
CA GLY A 383 -24.32 -23.79 -3.93
C GLY A 383 -23.09 -24.15 -3.10
N TYR A 384 -21.90 -23.86 -3.67
CA TYR A 384 -20.66 -24.11 -2.96
C TYR A 384 -20.59 -23.26 -1.68
N LYS A 385 -20.95 -21.99 -1.79
CA LYS A 385 -20.91 -21.10 -0.64
C LYS A 385 -21.88 -21.56 0.44
N MET A 386 -23.11 -21.93 0.06
CA MET A 386 -24.05 -22.36 1.10
C MET A 386 -23.60 -23.65 1.78
N THR A 387 -23.01 -24.56 1.01
CA THR A 387 -22.43 -25.78 1.59
C THR A 387 -21.40 -25.42 2.65
N LEU A 388 -20.47 -24.51 2.32
CA LEU A 388 -19.41 -24.20 3.26
C LEU A 388 -19.94 -23.45 4.48
N LEU A 389 -20.93 -22.56 4.30
CA LEU A 389 -21.47 -21.86 5.46
C LEU A 389 -22.12 -22.86 6.42
N ALA A 390 -22.83 -23.85 5.86
CA ALA A 390 -23.42 -24.87 6.72
C ALA A 390 -22.35 -25.67 7.46
N LEU A 391 -21.26 -26.00 6.76
CA LEU A 391 -20.19 -26.82 7.31
C LEU A 391 -19.51 -26.06 8.46
N ILE A 392 -19.29 -24.76 8.26
CA ILE A 392 -18.64 -23.96 9.30
C ILE A 392 -19.51 -23.95 10.55
N LYS A 393 -20.81 -23.68 10.37
CA LYS A 393 -21.68 -23.59 11.54
C LYS A 393 -21.79 -24.95 12.23
N GLU A 394 -21.76 -26.04 11.46
CA GLU A 394 -21.88 -27.39 12.00
CA GLU A 394 -21.91 -27.37 12.05
C GLU A 394 -20.66 -27.74 12.86
N SER A 395 -19.48 -27.35 12.39
CA SER A 395 -18.26 -28.02 12.82
C SER A 395 -17.26 -27.18 13.59
N ILE A 396 -17.44 -25.84 13.62
CA ILE A 396 -16.43 -24.94 14.17
C ILE A 396 -17.01 -24.24 15.39
N PRO A 397 -16.66 -24.67 16.61
CA PRO A 397 -17.29 -24.12 17.81
C PRO A 397 -16.88 -22.68 18.18
N ASN A 398 -15.68 -22.26 17.77
CA ASN A 398 -15.17 -20.95 18.13
C ASN A 398 -15.73 -19.88 17.19
N GLN A 399 -16.36 -18.85 17.76
CA GLN A 399 -17.04 -17.84 16.94
C GLN A 399 -16.01 -17.06 16.10
N ALA A 400 -14.87 -16.69 16.67
CA ALA A 400 -13.85 -15.96 15.91
C ALA A 400 -13.39 -16.76 14.70
N LYS A 401 -13.16 -18.07 14.89
CA LYS A 401 -12.77 -18.91 13.76
C LYS A 401 -13.88 -18.99 12.72
N ARG A 402 -15.14 -19.09 13.16
CA ARG A 402 -16.25 -19.06 12.20
C ARG A 402 -16.29 -17.77 11.40
N GLN A 403 -16.08 -16.62 12.06
CA GLN A 403 -16.11 -15.33 11.37
C GLN A 403 -15.04 -15.30 10.27
N LYS A 404 -13.87 -15.84 10.60
CA LYS A 404 -12.78 -15.90 9.62
C LYS A 404 -13.18 -16.75 8.42
N PHE A 405 -13.65 -17.99 8.67
CA PHE A 405 -13.97 -18.86 7.56
C PHE A 405 -15.14 -18.28 6.74
N GLU A 406 -16.14 -17.65 7.42
CA GLU A 406 -17.28 -17.10 6.72
C GLU A 406 -16.85 -15.97 5.77
N MET A 407 -15.89 -15.18 6.23
CA MET A 407 -15.28 -14.14 5.39
C MET A 407 -14.61 -14.75 4.15
N GLN A 408 -13.87 -15.85 4.32
CA GLN A 408 -13.22 -16.52 3.19
C GLN A 408 -14.28 -17.08 2.22
N VAL A 409 -15.43 -17.54 2.73
CA VAL A 409 -16.44 -18.10 1.85
C VAL A 409 -16.86 -17.04 0.82
N GLY A 410 -16.96 -15.81 1.30
CA GLY A 410 -17.42 -14.72 0.44
C GLY A 410 -16.57 -14.54 -0.81
N GLY A 411 -15.31 -14.98 -0.78
CA GLY A 411 -14.39 -14.69 -1.87
C GLY A 411 -14.03 -15.90 -2.73
N ILE A 412 -14.61 -17.08 -2.47
CA ILE A 412 -14.35 -18.17 -3.40
C ILE A 412 -14.98 -17.87 -4.77
N ARG A 413 -14.32 -18.36 -5.83
CA ARG A 413 -14.80 -18.04 -7.18
C ARG A 413 -15.16 -19.29 -7.99
N ASN A 414 -14.63 -20.46 -7.61
CA ASN A 414 -14.80 -21.65 -8.43
C ASN A 414 -14.74 -22.91 -7.57
N GLU A 415 -14.95 -24.07 -8.22
CA GLU A 415 -14.93 -25.35 -7.54
C GLU A 415 -13.59 -25.62 -6.85
N GLN A 416 -12.46 -25.26 -7.47
CA GLN A 416 -11.18 -25.49 -6.82
C GLN A 416 -11.06 -24.69 -5.53
N ASP A 417 -11.57 -23.44 -5.55
CA ASP A 417 -11.53 -22.60 -4.37
C ASP A 417 -12.41 -23.23 -3.29
N PHE A 418 -13.59 -23.73 -3.70
CA PHE A 418 -14.49 -24.44 -2.79
C PHE A 418 -13.77 -25.62 -2.15
N LYS A 419 -13.08 -26.45 -2.95
CA LYS A 419 -12.45 -27.62 -2.36
C LYS A 419 -11.31 -27.24 -1.42
N ASN A 420 -10.54 -26.21 -1.79
CA ASN A 420 -9.41 -25.74 -0.99
C ASN A 420 -9.91 -25.24 0.37
N LEU A 421 -10.99 -24.42 0.35
CA LEU A 421 -11.51 -23.88 1.60
C LEU A 421 -12.20 -24.96 2.44
N ARG A 422 -12.89 -25.90 1.80
CA ARG A 422 -13.47 -27.03 2.53
C ARG A 422 -12.38 -27.75 3.31
N ARG A 423 -11.24 -27.99 2.64
CA ARG A 423 -10.13 -28.68 3.33
C ARG A 423 -9.67 -27.88 4.55
N GLU A 424 -9.54 -26.56 4.42
CA GLU A 424 -9.06 -25.74 5.52
CA GLU A 424 -9.07 -25.73 5.52
C GLU A 424 -10.04 -25.79 6.69
N ILE A 425 -11.34 -25.80 6.38
CA ILE A 425 -12.34 -25.84 7.44
C ILE A 425 -12.25 -27.20 8.15
N ILE A 426 -12.12 -28.27 7.38
CA ILE A 426 -12.08 -29.61 7.95
C ILE A 426 -10.80 -29.79 8.80
N ARG A 427 -9.73 -29.06 8.46
CA ARG A 427 -8.47 -29.18 9.20
CA ARG A 427 -8.45 -29.14 9.17
C ARG A 427 -8.45 -28.28 10.44
N SER A 428 -9.49 -27.45 10.66
CA SER A 428 -9.47 -26.48 11.75
C SER A 428 -9.28 -27.15 13.13
N ALA A 429 -8.28 -26.69 13.89
CA ALA A 429 -8.00 -27.26 15.20
C ALA A 429 -9.02 -26.76 16.23
N ALA A 430 -9.06 -27.42 17.39
CA ALA A 430 -9.94 -27.02 18.48
C ALA A 430 -9.56 -25.62 19.01
#